data_9BXG
#
_entry.id   9BXG
#
_cell.length_a   66.329
_cell.length_b   67.511
_cell.length_c   87.747
_cell.angle_alpha   90.00
_cell.angle_beta   90.00
_cell.angle_gamma   90.00
#
_symmetry.space_group_name_H-M   'P 21 21 21'
#
loop_
_entity.id
_entity.type
_entity.pdbx_description
1 polymer 'HIV-1 LM/HS clade A/E CRF01 gp120 core'
2 non-polymer 2-acetamido-2-deoxy-beta-D-glucopyranose
3 non-polymer '4-(2-HYDROXYETHYL)-1-PIPERAZINE ETHANESULFONIC ACID'
4 non-polymer (3S)-1-[4-(5-carbamimidamidopentanoyl)piperazine-1-carbonyl]-N-(4-chloro-3-fluorophenyl)piperidine-3-carboxamide
5 water water
#
_entity_poly.entity_id   1
_entity_poly.type   'polypeptide(L)'
_entity_poly.pdbx_seq_one_letter_code
;VPVWKDADTTLFCASDAKAYETEVHNVWATHACVPTDPNPQEIHLENVTENFNMWKNNMVEQMHEDIISLWDQSLQPCVK
LTGGSVIKQACPKISFDPIPIHYCTPAGYVILKCNDKNFNGTGPCKNVSSVQCTHGIKPVVSTQLLLNGSLAEEEIIIRS
ENLTNNAKTIIVHLNKSVEINCTRPSNGGSGSGGDIRKAYCEINGTKWNKVLKQVTEKLKEHFNNKTIIFQPPSGGDLEI
TMHSFNCRGEFFYCNTTQLFNNTCIGNETMKGCNGTITLPCKIKQIINMWQGTGQAMYAPPIDGKINCVSNITGILLTRD
GGANNTSNETFRPGGGDMRDNWRSELYKYKVVQIE
;
_entity_poly.pdbx_strand_id   A
#
# COMPACT_ATOMS: atom_id res chain seq x y z
N VAL A 3 30.16 -14.25 0.24
CA VAL A 3 30.57 -12.87 0.53
C VAL A 3 29.79 -11.87 -0.33
N TRP A 4 29.24 -10.85 0.32
CA TRP A 4 28.44 -9.84 -0.36
C TRP A 4 28.61 -8.51 0.36
N LYS A 5 28.10 -7.44 -0.27
CA LYS A 5 28.09 -6.11 0.31
C LYS A 5 26.81 -5.40 -0.11
N ASP A 6 26.35 -4.46 0.72
CA ASP A 6 25.17 -3.69 0.38
C ASP A 6 25.40 -2.90 -0.90
N ALA A 7 24.43 -2.96 -1.82
CA ALA A 7 24.58 -2.32 -3.11
C ALA A 7 23.21 -2.08 -3.72
N ASP A 8 23.15 -1.12 -4.64
CA ASP A 8 21.97 -0.85 -5.44
C ASP A 8 22.25 -1.22 -6.89
N THR A 9 21.28 -1.84 -7.55
CA THR A 9 21.40 -2.11 -8.97
C THR A 9 20.02 -2.16 -9.59
N THR A 10 19.98 -2.06 -10.92
CA THR A 10 18.71 -2.02 -11.64
C THR A 10 18.08 -3.41 -11.66
N LEU A 11 16.89 -3.52 -11.10
CA LEU A 11 16.18 -4.79 -11.01
C LEU A 11 15.39 -5.04 -12.29
N PHE A 12 14.92 -6.27 -12.46
CA PHE A 12 13.93 -6.57 -13.47
C PHE A 12 12.71 -7.21 -12.81
N CYS A 13 11.62 -7.31 -13.54
CA CYS A 13 10.36 -7.78 -13.00
C CYS A 13 9.91 -9.06 -13.71
N ALA A 14 9.12 -9.84 -12.98
CA ALA A 14 8.56 -11.09 -13.46
C ALA A 14 7.10 -11.17 -13.04
N SER A 15 6.29 -11.85 -13.84
CA SER A 15 4.87 -11.94 -13.54
C SER A 15 4.25 -13.10 -14.30
N ASP A 16 3.05 -13.47 -13.87
CA ASP A 16 2.22 -14.47 -14.55
C ASP A 16 1.24 -13.83 -15.51
N ALA A 17 1.59 -12.68 -16.09
CA ALA A 17 0.70 -11.97 -17.00
C ALA A 17 0.24 -12.89 -18.13
N LYS A 18 -1.02 -12.69 -18.54
CA LYS A 18 -1.61 -13.46 -19.63
C LYS A 18 -1.48 -12.67 -20.92
N ALA A 19 -0.91 -13.32 -21.95
CA ALA A 19 -0.66 -12.62 -23.20
C ALA A 19 -1.95 -12.15 -23.87
N TYR A 20 -3.05 -12.85 -23.63
CA TYR A 20 -4.33 -12.56 -24.28
C TYR A 20 -5.15 -11.50 -23.55
N GLU A 21 -4.74 -11.10 -22.35
CA GLU A 21 -5.57 -10.21 -21.56
C GLU A 21 -5.50 -8.79 -22.07
N THR A 22 -6.63 -8.09 -22.01
CA THR A 22 -6.68 -6.66 -22.25
C THR A 22 -6.51 -5.86 -20.97
N GLU A 23 -6.73 -6.50 -19.82
CA GLU A 23 -6.46 -5.88 -18.53
C GLU A 23 -5.07 -5.24 -18.53
N VAL A 24 -4.99 -4.00 -18.04
CA VAL A 24 -3.82 -3.18 -18.31
C VAL A 24 -2.58 -3.66 -17.57
N HIS A 25 -2.74 -4.20 -16.35
CA HIS A 25 -1.56 -4.71 -15.66
C HIS A 25 -0.94 -5.86 -16.45
N ASN A 26 -1.78 -6.76 -16.96
CA ASN A 26 -1.28 -7.86 -17.78
C ASN A 26 -0.52 -7.34 -19.00
N VAL A 27 -1.10 -6.36 -19.69
CA VAL A 27 -0.46 -5.82 -20.88
C VAL A 27 0.91 -5.25 -20.54
N TRP A 28 0.99 -4.45 -19.47
CA TRP A 28 2.27 -3.87 -19.08
C TRP A 28 3.28 -4.94 -18.69
N ALA A 29 2.85 -5.91 -17.87
CA ALA A 29 3.76 -6.97 -17.45
C ALA A 29 4.18 -7.85 -18.63
N THR A 30 3.31 -8.01 -19.62
CA THR A 30 3.65 -8.83 -20.77
C THR A 30 4.86 -8.28 -21.52
N HIS A 31 4.98 -6.96 -21.62
CA HIS A 31 6.08 -6.39 -22.38
C HIS A 31 7.20 -5.81 -21.53
N ALA A 32 6.96 -5.57 -20.23
CA ALA A 32 7.98 -4.98 -19.38
C ALA A 32 8.58 -5.96 -18.37
N CYS A 33 8.05 -7.17 -18.25
CA CYS A 33 8.55 -8.17 -17.33
C CYS A 33 8.80 -9.47 -18.08
N VAL A 34 9.50 -10.39 -17.43
CA VAL A 34 9.67 -11.74 -17.97
C VAL A 34 8.70 -12.67 -17.24
N PRO A 35 8.54 -13.91 -17.67
CA PRO A 35 7.69 -14.84 -16.92
C PRO A 35 8.30 -15.14 -15.57
N THR A 36 7.43 -15.46 -14.60
CA THR A 36 7.94 -15.75 -13.27
C THR A 36 8.78 -17.02 -13.27
N ASP A 37 9.78 -17.02 -12.41
CA ASP A 37 10.68 -18.16 -12.24
C ASP A 37 9.84 -19.40 -11.97
N PRO A 38 9.82 -20.39 -12.86
CA PRO A 38 9.04 -21.60 -12.60
C PRO A 38 9.61 -22.45 -11.47
N ASN A 39 10.86 -22.20 -11.06
CA ASN A 39 11.59 -23.06 -10.11
C ASN A 39 12.30 -22.20 -9.08
N PRO A 40 11.57 -21.41 -8.31
CA PRO A 40 12.23 -20.45 -7.39
C PRO A 40 12.95 -21.17 -6.25
N GLN A 41 14.21 -20.75 -6.01
CA GLN A 41 15.05 -21.31 -4.97
C GLN A 41 15.21 -20.29 -3.83
N GLU A 42 15.13 -20.75 -2.59
CA GLU A 42 15.42 -19.94 -1.42
C GLU A 42 16.50 -20.63 -0.60
N ILE A 43 17.61 -19.92 -0.35
CA ILE A 43 18.73 -20.46 0.41
C ILE A 43 18.77 -19.81 1.78
N HIS A 44 18.75 -20.62 2.83
CA HIS A 44 18.89 -20.13 4.20
C HIS A 44 20.38 -19.90 4.49
N LEU A 45 20.69 -18.77 5.10
CA LEU A 45 22.07 -18.36 5.37
C LEU A 45 22.41 -18.74 6.81
N GLU A 46 23.16 -19.84 6.97
CA GLU A 46 23.49 -20.37 8.28
C GLU A 46 24.26 -19.35 9.12
N ASN A 47 23.69 -19.02 10.28
CA ASN A 47 24.32 -18.16 11.29
C ASN A 47 24.58 -16.74 10.80
N VAL A 48 23.80 -16.26 9.85
CA VAL A 48 23.98 -14.92 9.31
C VAL A 48 23.03 -13.97 10.00
N THR A 49 23.56 -12.85 10.48
CA THR A 49 22.77 -11.73 10.95
C THR A 49 23.02 -10.56 9.99
N GLU A 50 21.94 -9.92 9.56
CA GLU A 50 22.06 -8.88 8.54
C GLU A 50 21.17 -7.71 8.92
N ASN A 51 21.66 -6.50 8.69
CA ASN A 51 20.92 -5.29 8.99
C ASN A 51 20.04 -4.90 7.81
N PHE A 52 18.79 -4.55 8.10
CA PHE A 52 17.86 -4.07 7.11
C PHE A 52 17.39 -2.67 7.49
N ASN A 53 16.94 -1.92 6.49
CA ASN A 53 16.33 -0.61 6.72
C ASN A 53 15.29 -0.39 5.63
N MET A 54 14.03 -0.73 5.93
CA MET A 54 12.96 -0.59 4.95
C MET A 54 12.75 0.85 4.51
N TRP A 55 13.15 1.81 5.33
CA TRP A 55 12.91 3.22 5.03
C TRP A 55 13.97 3.82 4.11
N LYS A 56 15.09 3.11 3.90
CA LYS A 56 16.15 3.53 2.97
C LYS A 56 16.47 2.30 2.11
N ASN A 57 15.62 2.03 1.13
CA ASN A 57 15.71 0.79 0.37
C ASN A 57 15.39 1.10 -1.09
N ASN A 58 16.42 1.12 -1.94
CA ASN A 58 16.25 1.51 -3.33
C ASN A 58 15.22 0.67 -4.06
N MET A 59 14.95 -0.56 -3.59
CA MET A 59 13.93 -1.38 -4.24
C MET A 59 12.61 -0.64 -4.28
N VAL A 60 12.30 0.12 -3.23
CA VAL A 60 11.04 0.85 -3.17
C VAL A 60 10.98 1.91 -4.26
N GLU A 61 12.08 2.65 -4.43
N GLU A 61 12.08 2.65 -4.42
CA GLU A 61 12.12 3.66 -5.49
CA GLU A 61 12.15 3.66 -5.47
C GLU A 61 11.90 3.02 -6.85
C GLU A 61 11.91 3.03 -6.84
N GLN A 62 12.48 1.84 -7.08
CA GLN A 62 12.36 1.20 -8.38
C GLN A 62 10.95 0.71 -8.64
N MET A 63 10.28 0.15 -7.63
CA MET A 63 8.89 -0.24 -7.81
C MET A 63 8.04 1.00 -8.10
N HIS A 64 8.31 2.09 -7.39
CA HIS A 64 7.58 3.33 -7.63
C HIS A 64 7.68 3.73 -9.09
N GLU A 65 8.90 3.77 -9.63
CA GLU A 65 9.09 4.13 -11.03
C GLU A 65 8.32 3.19 -11.95
N ASP A 66 8.28 1.90 -11.63
CA ASP A 66 7.52 0.96 -12.46
C ASP A 66 6.03 1.28 -12.47
N ILE A 67 5.44 1.49 -11.29
CA ILE A 67 3.99 1.67 -11.24
C ILE A 67 3.59 3.00 -11.87
N ILE A 68 4.40 4.04 -11.69
CA ILE A 68 4.14 5.29 -12.41
C ILE A 68 4.09 5.02 -13.91
N SER A 69 5.09 4.29 -14.42
CA SER A 69 5.10 3.90 -15.83
C SER A 69 3.87 3.10 -16.19
N LEU A 70 3.47 2.16 -15.34
CA LEU A 70 2.30 1.33 -15.61
C LEU A 70 1.06 2.20 -15.77
N TRP A 71 0.83 3.12 -14.84
CA TRP A 71 -0.35 3.97 -14.91
C TRP A 71 -0.29 4.91 -16.12
N ASP A 72 0.89 5.48 -16.39
CA ASP A 72 1.03 6.42 -17.51
C ASP A 72 0.74 5.76 -18.85
N GLN A 73 0.97 4.46 -18.97
CA GLN A 73 0.70 3.75 -20.22
C GLN A 73 -0.67 3.09 -20.24
N SER A 74 -1.44 3.19 -19.18
CA SER A 74 -2.67 2.42 -19.09
C SER A 74 -3.87 3.25 -18.70
N LEU A 75 -3.74 4.15 -17.74
CA LEU A 75 -4.86 4.92 -17.20
C LEU A 75 -4.67 6.37 -17.66
N GLN A 76 -5.00 6.60 -18.93
CA GLN A 76 -4.76 7.98 -19.36
C GLN A 76 -6.01 8.83 -19.18
N PRO A 77 -5.89 9.98 -18.55
CA PRO A 77 -7.05 10.85 -18.33
C PRO A 77 -7.41 11.62 -19.60
N CYS A 78 -8.67 12.03 -19.65
CA CYS A 78 -9.13 12.89 -20.73
C CYS A 78 -8.31 14.17 -20.81
N VAL A 79 -7.96 14.72 -19.66
CA VAL A 79 -7.17 15.95 -19.58
C VAL A 79 -6.21 15.82 -18.41
N LYS A 80 -4.92 16.09 -18.67
CA LYS A 80 -3.89 16.11 -17.65
C LYS A 80 -3.40 17.55 -17.51
N LEU A 81 -3.30 18.02 -16.27
CA LEU A 81 -2.91 19.40 -15.99
C LEU A 81 -1.63 19.38 -15.15
N THR A 82 -0.49 19.56 -15.80
CA THR A 82 0.82 19.48 -15.13
C THR A 82 1.64 20.71 -15.45
N GLY A 83 2.05 21.44 -14.41
CA GLY A 83 2.99 22.54 -14.55
C GLY A 83 2.56 23.64 -15.48
N GLY A 84 1.26 23.91 -15.57
CA GLY A 84 0.73 24.88 -16.50
C GLY A 84 0.33 24.30 -17.85
N SER A 85 0.89 23.16 -18.23
CA SER A 85 0.57 22.49 -19.47
C SER A 85 -0.76 21.74 -19.34
N VAL A 86 -1.40 21.49 -20.49
CA VAL A 86 -2.71 20.86 -20.51
C VAL A 86 -2.83 19.94 -21.72
N ILE A 87 -2.78 18.63 -21.47
CA ILE A 87 -2.83 17.61 -22.51
C ILE A 87 -4.24 17.05 -22.61
N LYS A 88 -4.73 16.87 -23.83
CA LYS A 88 -6.05 16.29 -24.10
C LYS A 88 -5.85 15.04 -24.93
N GLN A 89 -5.82 13.87 -24.29
CA GLN A 89 -5.63 12.62 -25.01
C GLN A 89 -6.80 11.67 -24.76
N ALA A 90 -6.81 10.59 -25.52
CA ALA A 90 -7.92 9.64 -25.46
C ALA A 90 -8.01 9.00 -24.08
N CYS A 91 -9.23 8.92 -23.55
CA CYS A 91 -9.49 8.39 -22.22
C CYS A 91 -10.63 7.37 -22.30
N PRO A 92 -10.40 6.24 -22.94
CA PRO A 92 -11.42 5.18 -22.99
C PRO A 92 -11.50 4.46 -21.66
N LYS A 93 -12.59 3.71 -21.48
CA LYS A 93 -12.77 2.90 -20.28
C LYS A 93 -11.99 1.60 -20.43
N ILE A 94 -11.28 1.21 -19.38
CA ILE A 94 -10.34 0.10 -19.49
C ILE A 94 -10.68 -1.05 -18.56
N SER A 95 -9.92 -2.14 -18.69
CA SER A 95 -9.95 -3.26 -17.76
C SER A 95 -8.79 -3.09 -16.78
N PHE A 96 -9.10 -3.10 -15.49
CA PHE A 96 -8.13 -2.72 -14.47
C PHE A 96 -8.30 -3.60 -13.25
N ASP A 97 -7.25 -4.35 -12.91
CA ASP A 97 -7.23 -5.26 -11.77
C ASP A 97 -5.77 -5.66 -11.51
N PRO A 98 -5.14 -5.12 -10.46
CA PRO A 98 -3.70 -5.33 -10.29
C PRO A 98 -3.34 -6.81 -10.17
N ILE A 99 -2.16 -7.16 -10.67
CA ILE A 99 -1.65 -8.52 -10.62
C ILE A 99 -0.32 -8.47 -9.87
N PRO A 100 0.10 -9.60 -9.29
CA PRO A 100 1.37 -9.61 -8.56
C PRO A 100 2.56 -9.37 -9.48
N ILE A 101 3.51 -8.56 -9.00
CA ILE A 101 4.77 -8.30 -9.69
C ILE A 101 5.92 -8.76 -8.81
N HIS A 102 6.86 -9.51 -9.39
CA HIS A 102 8.06 -9.96 -8.69
C HIS A 102 9.25 -9.10 -9.09
N TYR A 103 10.09 -8.77 -8.11
CA TYR A 103 11.31 -8.00 -8.36
C TYR A 103 12.52 -8.90 -8.18
N CYS A 104 13.40 -8.90 -9.19
CA CYS A 104 14.46 -9.87 -9.33
C CYS A 104 15.77 -9.17 -9.64
N THR A 105 16.87 -9.76 -9.16
CA THR A 105 18.21 -9.22 -9.30
C THR A 105 18.90 -9.80 -10.53
N PRO A 106 19.74 -9.03 -11.20
CA PRO A 106 20.54 -9.55 -12.31
C PRO A 106 21.76 -10.30 -11.77
N ALA A 107 22.60 -10.76 -12.70
CA ALA A 107 23.78 -11.53 -12.32
C ALA A 107 24.73 -10.70 -11.49
N GLY A 108 25.39 -11.35 -10.53
CA GLY A 108 26.28 -10.66 -9.61
C GLY A 108 25.63 -10.13 -8.36
N TYR A 109 24.31 -10.28 -8.22
CA TYR A 109 23.55 -9.76 -7.10
C TYR A 109 22.57 -10.81 -6.63
N VAL A 110 22.16 -10.70 -5.36
CA VAL A 110 21.06 -11.48 -4.82
C VAL A 110 20.23 -10.56 -3.94
N ILE A 111 19.04 -11.04 -3.58
CA ILE A 111 18.14 -10.36 -2.66
C ILE A 111 18.21 -11.11 -1.34
N LEU A 112 18.45 -10.37 -0.25
CA LEU A 112 18.41 -10.96 1.07
C LEU A 112 17.01 -10.76 1.67
N LYS A 113 16.50 -11.81 2.32
CA LYS A 113 15.14 -11.85 2.84
C LYS A 113 15.17 -12.06 4.34
N CYS A 114 14.55 -11.15 5.08
CA CYS A 114 14.46 -11.26 6.53
C CYS A 114 13.26 -12.12 6.90
N ASN A 115 13.52 -13.22 7.62
CA ASN A 115 12.47 -14.16 7.98
C ASN A 115 12.10 -14.11 9.46
N ASP A 116 12.60 -13.11 10.19
CA ASP A 116 12.18 -12.90 11.58
C ASP A 116 10.72 -12.45 11.58
N LYS A 117 9.85 -13.21 12.24
CA LYS A 117 8.42 -12.91 12.17
C LYS A 117 8.05 -11.62 12.88
N ASN A 118 8.89 -11.13 13.79
CA ASN A 118 8.63 -9.90 14.52
C ASN A 118 9.38 -8.70 13.93
N PHE A 119 10.11 -8.90 12.84
CA PHE A 119 10.92 -7.84 12.25
C PHE A 119 10.09 -6.59 11.98
N ASN A 120 10.57 -5.44 12.46
CA ASN A 120 9.82 -4.20 12.31
C ASN A 120 10.27 -3.38 11.11
N GLY A 121 11.31 -3.81 10.40
CA GLY A 121 11.74 -3.14 9.19
C GLY A 121 13.10 -2.48 9.28
N THR A 122 13.57 -2.18 10.49
CA THR A 122 14.90 -1.61 10.70
C THR A 122 15.63 -2.42 11.74
N GLY A 123 16.94 -2.57 11.54
CA GLY A 123 17.78 -3.25 12.49
C GLY A 123 18.18 -4.65 12.07
N PRO A 124 18.79 -5.39 12.98
CA PRO A 124 19.35 -6.69 12.61
C PRO A 124 18.29 -7.75 12.43
N CYS A 125 18.59 -8.71 11.56
CA CYS A 125 17.74 -9.86 11.28
C CYS A 125 18.55 -11.13 11.49
N LYS A 126 18.05 -12.04 12.33
CA LYS A 126 18.77 -13.26 12.70
C LYS A 126 18.54 -14.41 11.72
N ASN A 127 17.41 -14.39 11.00
CA ASN A 127 16.99 -15.51 10.15
C ASN A 127 16.93 -14.98 8.73
N VAL A 128 18.06 -15.04 8.03
CA VAL A 128 18.23 -14.43 6.71
C VAL A 128 18.34 -15.53 5.67
N SER A 129 17.62 -15.34 4.56
CA SER A 129 17.74 -16.19 3.38
C SER A 129 18.07 -15.31 2.18
N SER A 130 18.49 -15.95 1.09
CA SER A 130 18.74 -15.26 -0.16
C SER A 130 17.80 -15.80 -1.23
N VAL A 131 17.26 -14.90 -2.05
CA VAL A 131 16.32 -15.25 -3.10
C VAL A 131 16.72 -14.52 -4.38
N GLN A 132 16.27 -15.06 -5.51
CA GLN A 132 16.47 -14.40 -6.79
C GLN A 132 15.40 -13.36 -7.08
N CYS A 133 14.20 -13.54 -6.54
CA CYS A 133 13.07 -12.67 -6.77
C CYS A 133 12.30 -12.52 -5.46
N THR A 134 11.67 -11.36 -5.28
CA THR A 134 10.70 -11.23 -4.21
C THR A 134 9.48 -12.08 -4.51
N HIS A 135 8.57 -12.15 -3.54
CA HIS A 135 7.27 -12.71 -3.82
C HIS A 135 6.47 -11.76 -4.73
N GLY A 136 5.31 -12.22 -5.17
CA GLY A 136 4.47 -11.42 -6.04
C GLY A 136 3.76 -10.34 -5.24
N ILE A 137 4.01 -9.08 -5.58
CA ILE A 137 3.42 -7.93 -4.90
C ILE A 137 2.42 -7.25 -5.83
N LYS A 138 1.18 -7.13 -5.37
CA LYS A 138 0.17 -6.38 -6.12
C LYS A 138 0.37 -4.89 -5.92
N PRO A 139 0.51 -4.10 -6.99
CA PRO A 139 0.76 -2.65 -6.80
C PRO A 139 -0.53 -1.87 -6.57
N VAL A 140 -1.13 -2.07 -5.40
CA VAL A 140 -2.42 -1.44 -5.11
C VAL A 140 -2.19 0.00 -4.65
N VAL A 141 -2.78 0.94 -5.36
CA VAL A 141 -2.68 2.36 -5.04
C VAL A 141 -3.84 2.73 -4.11
N SER A 142 -3.51 3.29 -2.94
CA SER A 142 -4.55 3.64 -1.99
C SER A 142 -3.98 4.59 -0.94
N THR A 143 -4.89 5.22 -0.20
CA THR A 143 -4.56 6.00 0.98
C THR A 143 -5.27 5.41 2.20
N GLN A 144 -4.74 5.74 3.38
CA GLN A 144 -5.34 5.38 4.67
C GLN A 144 -5.27 3.88 4.97
N LEU A 145 -5.79 3.06 4.07
CA LEU A 145 -5.85 1.62 4.27
C LEU A 145 -5.01 0.92 3.21
N LEU A 146 -4.19 -0.02 3.63
CA LEU A 146 -3.41 -0.82 2.70
C LEU A 146 -4.22 -2.05 2.33
N LEU A 147 -4.38 -2.29 1.03
CA LEU A 147 -5.33 -3.30 0.56
C LEU A 147 -4.63 -4.42 -0.19
N ASN A 148 -5.16 -5.64 -0.03
CA ASN A 148 -4.74 -6.81 -0.79
C ASN A 148 -3.26 -7.12 -0.63
N GLY A 149 -2.67 -6.76 0.51
CA GLY A 149 -1.28 -7.03 0.77
C GLY A 149 -1.06 -8.35 1.50
N SER A 150 0.14 -8.49 2.05
CA SER A 150 0.47 -9.61 2.92
C SER A 150 0.18 -9.23 4.37
N LEU A 151 0.15 -10.25 5.23
CA LEU A 151 -0.13 -10.06 6.64
C LEU A 151 1.12 -10.35 7.47
N ALA A 152 1.23 -9.68 8.61
CA ALA A 152 2.26 -10.05 9.57
C ALA A 152 1.98 -11.45 10.09
N GLU A 153 3.05 -12.21 10.34
CA GLU A 153 2.91 -13.64 10.64
C GLU A 153 2.54 -13.90 12.09
N GLU A 154 3.01 -13.06 13.01
CA GLU A 154 2.77 -13.31 14.43
C GLU A 154 1.94 -12.14 14.97
N GLU A 155 2.56 -11.15 15.58
CA GLU A 155 1.84 -10.05 16.17
C GLU A 155 1.63 -8.93 15.15
N ILE A 156 0.73 -8.02 15.49
CA ILE A 156 0.62 -6.76 14.76
C ILE A 156 1.95 -6.02 14.88
N ILE A 157 2.42 -5.44 13.78
CA ILE A 157 3.71 -4.78 13.74
C ILE A 157 3.52 -3.29 13.47
N ILE A 158 4.15 -2.45 14.28
CA ILE A 158 4.25 -1.01 14.04
C ILE A 158 5.56 -0.74 13.32
N ARG A 159 5.48 -0.03 12.19
CA ARG A 159 6.65 0.29 11.39
C ARG A 159 6.77 1.80 11.23
N SER A 160 7.96 2.33 11.49
CA SER A 160 8.20 3.76 11.30
C SER A 160 9.70 4.02 11.25
N GLU A 161 10.10 4.97 10.40
CA GLU A 161 11.51 5.34 10.34
C GLU A 161 11.98 5.94 11.67
N ASN A 162 11.05 6.51 12.44
CA ASN A 162 11.36 7.12 13.73
C ASN A 162 10.07 7.44 14.47
N LEU A 163 9.66 6.53 15.36
CA LEU A 163 8.39 6.69 16.06
C LEU A 163 8.34 8.00 16.83
N THR A 164 9.46 8.42 17.41
CA THR A 164 9.48 9.64 18.21
C THR A 164 9.16 10.87 17.38
N ASN A 165 9.48 10.85 16.09
CA ASN A 165 9.24 11.97 15.18
C ASN A 165 7.82 11.84 14.66
N ASN A 166 6.96 12.79 15.04
CA ASN A 166 5.55 12.71 14.66
C ASN A 166 5.31 12.95 13.18
N ALA A 167 6.29 13.52 12.47
CA ALA A 167 6.13 13.75 11.04
C ALA A 167 6.33 12.49 10.22
N LYS A 168 6.83 11.40 10.81
CA LYS A 168 7.15 10.19 10.08
C LYS A 168 5.94 9.27 10.05
N THR A 169 5.54 8.88 8.84
CA THR A 169 4.38 8.02 8.67
C THR A 169 4.57 6.68 9.38
N ILE A 170 3.51 6.22 10.02
CA ILE A 170 3.47 4.93 10.69
C ILE A 170 2.79 3.94 9.75
N ILE A 171 3.38 2.76 9.60
CA ILE A 171 2.75 1.67 8.87
C ILE A 171 2.36 0.61 9.89
N VAL A 172 1.06 0.33 9.98
CA VAL A 172 0.55 -0.75 10.81
C VAL A 172 0.39 -1.98 9.93
N HIS A 173 1.01 -3.09 10.34
CA HIS A 173 0.94 -4.34 9.58
C HIS A 173 0.05 -5.29 10.35
N LEU A 174 -1.16 -5.52 9.84
CA LEU A 174 -2.12 -6.39 10.51
C LEU A 174 -1.70 -7.85 10.39
N ASN A 175 -2.14 -8.66 11.35
CA ASN A 175 -1.96 -10.11 11.28
C ASN A 175 -3.26 -10.84 11.00
N LYS A 176 -4.36 -10.12 10.82
CA LYS A 176 -5.63 -10.70 10.40
C LYS A 176 -6.32 -9.68 9.52
N SER A 177 -6.65 -10.09 8.29
CA SER A 177 -7.24 -9.15 7.36
C SER A 177 -8.72 -8.93 7.66
N VAL A 178 -9.22 -7.78 7.20
CA VAL A 178 -10.61 -7.40 7.36
C VAL A 178 -11.15 -7.01 5.99
N GLU A 179 -12.19 -7.70 5.54
CA GLU A 179 -12.76 -7.42 4.23
C GLU A 179 -13.40 -6.03 4.21
N ILE A 180 -13.23 -5.33 3.08
CA ILE A 180 -13.93 -4.08 2.82
C ILE A 180 -14.57 -4.20 1.45
N ASN A 181 -15.89 -4.15 1.42
CA ASN A 181 -16.70 -4.49 0.25
C ASN A 181 -17.37 -3.24 -0.29
N CYS A 182 -16.86 -2.71 -1.39
CA CYS A 182 -17.27 -1.43 -1.92
C CYS A 182 -18.06 -1.61 -3.22
N THR A 183 -19.16 -0.86 -3.35
CA THR A 183 -20.07 -1.03 -4.47
C THR A 183 -20.65 0.30 -4.92
N ARG A 184 -20.66 0.53 -6.24
CA ARG A 184 -21.48 1.56 -6.85
C ARG A 184 -22.65 0.80 -7.47
N PRO A 185 -23.83 0.77 -6.86
CA PRO A 185 -24.91 -0.09 -7.37
C PRO A 185 -25.33 0.34 -8.77
N SER A 186 -25.77 -0.65 -9.55
CA SER A 186 -26.15 -0.41 -10.94
C SER A 186 -27.43 0.44 -11.02
N ASP A 195 -27.90 9.04 -8.55
CA ASP A 195 -26.54 9.59 -8.63
C ASP A 195 -25.57 8.47 -9.01
N ILE A 196 -24.96 8.57 -10.19
CA ILE A 196 -24.09 7.51 -10.68
C ILE A 196 -22.71 7.52 -10.02
N ARG A 197 -22.42 8.53 -9.21
CA ARG A 197 -21.14 8.61 -8.50
C ARG A 197 -21.27 8.23 -7.04
N LYS A 198 -22.48 7.94 -6.57
CA LYS A 198 -22.72 7.56 -5.19
C LYS A 198 -22.36 6.10 -4.96
N ALA A 199 -21.49 5.84 -3.98
CA ALA A 199 -21.02 4.50 -3.68
C ALA A 199 -20.94 4.31 -2.18
N TYR A 200 -20.57 3.11 -1.75
CA TYR A 200 -20.42 2.82 -0.33
C TYR A 200 -19.54 1.59 -0.16
N CYS A 201 -18.97 1.46 1.04
CA CYS A 201 -18.17 0.31 1.42
C CYS A 201 -18.75 -0.30 2.68
N GLU A 202 -18.83 -1.62 2.71
CA GLU A 202 -19.37 -2.35 3.85
C GLU A 202 -18.24 -3.09 4.55
N ILE A 203 -18.19 -2.98 5.87
CA ILE A 203 -17.17 -3.62 6.69
C ILE A 203 -17.86 -4.29 7.88
N ASN A 204 -17.42 -5.49 8.22
CA ASN A 204 -17.96 -6.18 9.38
C ASN A 204 -17.48 -5.46 10.64
N GLY A 205 -18.40 -4.74 11.30
CA GLY A 205 -18.01 -3.93 12.44
C GLY A 205 -17.45 -4.73 13.59
N THR A 206 -17.93 -5.96 13.77
CA THR A 206 -17.36 -6.84 14.79
C THR A 206 -15.91 -7.18 14.46
N LYS A 207 -15.66 -7.64 13.24
CA LYS A 207 -14.31 -7.92 12.77
C LYS A 207 -13.41 -6.72 12.98
N TRP A 208 -13.82 -5.56 12.44
CA TRP A 208 -12.96 -4.39 12.40
C TRP A 208 -12.65 -3.87 13.80
N ASN A 209 -13.69 -3.63 14.61
CA ASN A 209 -13.47 -3.05 15.93
C ASN A 209 -12.54 -3.92 16.77
N LYS A 210 -12.65 -5.23 16.64
CA LYS A 210 -11.76 -6.10 17.39
C LYS A 210 -10.31 -5.91 16.93
N VAL A 211 -10.07 -5.91 15.62
CA VAL A 211 -8.72 -5.67 15.11
C VAL A 211 -8.21 -4.31 15.56
N LEU A 212 -9.05 -3.28 15.46
CA LEU A 212 -8.61 -1.93 15.82
C LEU A 212 -8.26 -1.85 17.29
N LYS A 213 -9.01 -2.51 18.16
CA LYS A 213 -8.65 -2.57 19.57
C LYS A 213 -7.27 -3.18 19.76
N GLN A 214 -6.97 -4.27 19.05
CA GLN A 214 -5.63 -4.85 19.14
C GLN A 214 -4.58 -3.86 18.65
N VAL A 215 -4.89 -3.11 17.59
CA VAL A 215 -3.97 -2.10 17.08
C VAL A 215 -3.64 -1.08 18.17
N THR A 216 -4.68 -0.57 18.85
CA THR A 216 -4.44 0.41 19.90
C THR A 216 -3.59 -0.18 21.02
N GLU A 217 -3.85 -1.43 21.39
CA GLU A 217 -3.04 -2.07 22.42
C GLU A 217 -1.58 -2.19 21.98
N LYS A 218 -1.35 -2.52 20.71
CA LYS A 218 0.01 -2.56 20.20
C LYS A 218 0.65 -1.18 20.28
N LEU A 219 -0.11 -0.13 19.95
CA LEU A 219 0.40 1.23 20.01
C LEU A 219 0.66 1.65 21.45
N LYS A 220 -0.11 1.10 22.40
CA LYS A 220 0.15 1.34 23.82
C LYS A 220 1.56 0.88 24.19
N GLU A 221 1.97 -0.28 23.66
CA GLU A 221 3.28 -0.83 23.99
C GLU A 221 4.41 0.10 23.57
N HIS A 222 4.24 0.82 22.46
CA HIS A 222 5.26 1.73 21.97
C HIS A 222 5.17 3.11 22.59
N PHE A 223 4.07 3.43 23.27
CA PHE A 223 3.82 4.77 23.78
C PHE A 223 3.50 4.74 25.26
N ASN A 224 4.18 3.84 25.99
CA ASN A 224 4.17 3.83 27.45
C ASN A 224 2.76 3.67 28.02
N ASN A 225 1.97 2.79 27.41
CA ASN A 225 0.63 2.46 27.87
C ASN A 225 -0.28 3.69 27.93
N LYS A 226 0.03 4.73 27.14
CA LYS A 226 -0.76 5.94 27.07
C LYS A 226 -2.13 5.66 26.44
N THR A 227 -3.01 6.66 26.50
CA THR A 227 -4.32 6.55 25.88
C THR A 227 -4.23 6.77 24.38
N ILE A 228 -4.77 5.83 23.62
CA ILE A 228 -4.70 5.84 22.15
C ILE A 228 -6.01 6.36 21.60
N ILE A 229 -5.96 7.50 20.90
CA ILE A 229 -7.13 8.16 20.35
C ILE A 229 -6.97 8.32 18.85
N PHE A 230 -8.04 8.01 18.11
CA PHE A 230 -8.06 8.21 16.67
C PHE A 230 -8.90 9.45 16.33
N GLN A 231 -8.45 10.18 15.32
CA GLN A 231 -9.15 11.36 14.86
C GLN A 231 -9.12 11.40 13.34
N PRO A 232 -10.09 12.05 12.71
CA PRO A 232 -10.08 12.13 11.25
C PRO A 232 -8.95 13.02 10.77
N PRO A 233 -8.48 12.84 9.54
CA PRO A 233 -7.39 13.68 9.03
C PRO A 233 -7.71 15.15 9.19
N SER A 234 -6.69 15.93 9.55
CA SER A 234 -6.87 17.34 9.90
C SER A 234 -6.63 18.25 8.70
N GLY A 235 -7.25 17.93 7.57
CA GLY A 235 -7.14 18.74 6.38
C GLY A 235 -6.23 18.12 5.33
N GLY A 236 -6.25 18.73 4.16
CA GLY A 236 -5.52 18.26 3.01
C GLY A 236 -6.45 17.97 1.86
N ASP A 237 -5.90 17.32 0.84
CA ASP A 237 -6.71 17.02 -0.33
C ASP A 237 -7.65 15.85 -0.05
N LEU A 238 -8.70 15.78 -0.88
CA LEU A 238 -9.70 14.74 -0.73
C LEU A 238 -9.09 13.34 -0.77
N GLU A 239 -8.01 13.18 -1.54
CA GLU A 239 -7.39 11.86 -1.71
C GLU A 239 -6.85 11.32 -0.40
N ILE A 240 -6.47 12.20 0.53
CA ILE A 240 -5.87 11.78 1.78
C ILE A 240 -6.82 11.93 2.96
N THR A 241 -7.75 12.89 2.95
CA THR A 241 -8.75 12.93 4.00
C THR A 241 -9.74 11.78 3.86
N MET A 242 -9.97 11.30 2.64
CA MET A 242 -10.78 10.12 2.37
C MET A 242 -9.87 8.91 2.13
N HIS A 243 -10.45 7.73 2.27
CA HIS A 243 -9.80 6.50 1.82
C HIS A 243 -9.96 6.42 0.31
N SER A 244 -8.85 6.63 -0.41
CA SER A 244 -8.84 6.68 -1.87
C SER A 244 -8.28 5.39 -2.44
N PHE A 245 -8.87 4.91 -3.52
CA PHE A 245 -8.40 3.69 -4.19
C PHE A 245 -9.09 3.62 -5.55
N ASN A 246 -8.57 2.72 -6.39
CA ASN A 246 -9.11 2.51 -7.72
C ASN A 246 -9.78 1.16 -7.79
N CYS A 247 -11.07 1.16 -8.12
CA CYS A 247 -11.87 -0.06 -8.26
C CYS A 247 -12.30 -0.18 -9.72
N ARG A 248 -11.75 -1.18 -10.42
CA ARG A 248 -12.09 -1.45 -11.82
C ARG A 248 -11.85 -0.22 -12.71
N GLY A 249 -10.85 0.58 -12.37
CA GLY A 249 -10.53 1.79 -13.11
C GLY A 249 -11.19 3.04 -12.59
N GLU A 250 -12.22 2.91 -11.76
CA GLU A 250 -12.93 4.05 -11.19
C GLU A 250 -12.24 4.48 -9.90
N PHE A 251 -12.15 5.79 -9.67
CA PHE A 251 -11.50 6.32 -8.48
C PHE A 251 -12.55 6.52 -7.39
N PHE A 252 -12.45 5.72 -6.33
CA PHE A 252 -13.35 5.78 -5.19
C PHE A 252 -12.75 6.67 -4.10
N TYR A 253 -13.61 7.45 -3.43
CA TYR A 253 -13.23 8.28 -2.29
C TYR A 253 -14.21 7.96 -1.17
N CYS A 254 -13.74 7.37 -0.08
CA CYS A 254 -14.63 6.88 0.97
C CYS A 254 -14.31 7.56 2.30
N ASN A 255 -15.36 8.02 2.97
CA ASN A 255 -15.26 8.64 4.29
C ASN A 255 -15.09 7.56 5.35
N THR A 256 -13.98 7.60 6.08
CA THR A 256 -13.62 6.57 7.06
C THR A 256 -13.88 7.00 8.50
N THR A 257 -14.63 8.08 8.71
CA THR A 257 -14.90 8.55 10.07
C THR A 257 -15.43 7.44 10.96
N GLN A 258 -16.32 6.60 10.42
CA GLN A 258 -16.92 5.52 11.20
C GLN A 258 -15.95 4.37 11.46
N LEU A 259 -14.83 4.33 10.76
CA LEU A 259 -13.82 3.31 10.99
C LEU A 259 -12.92 3.67 12.17
N PHE A 260 -12.70 4.97 12.37
CA PHE A 260 -11.76 5.45 13.37
C PHE A 260 -12.49 6.27 14.42
N ASN A 261 -13.53 5.71 15.00
CA ASN A 261 -14.25 6.38 16.07
C ASN A 261 -14.06 5.57 17.36
N ASN A 262 -13.58 6.24 18.39
CA ASN A 262 -13.02 5.60 19.57
C ASN A 262 -14.09 4.97 20.45
N THR A 263 -15.36 5.33 20.28
CA THR A 263 -16.39 4.82 21.18
C THR A 263 -16.48 3.30 21.12
N CYS A 264 -16.31 2.70 19.94
CA CYS A 264 -16.45 1.24 19.85
C CYS A 264 -15.19 0.53 20.33
N GLY A 272 -23.73 -0.61 21.51
CA GLY A 272 -24.59 -0.39 20.35
C GLY A 272 -23.82 0.00 19.10
N CYS A 273 -22.85 -0.84 18.72
CA CYS A 273 -21.99 -0.65 17.55
C CYS A 273 -22.11 -1.78 16.54
N ASN A 274 -21.36 -2.83 16.86
CA ASN A 274 -20.95 -4.04 16.14
C ASN A 274 -21.77 -4.64 14.99
N GLY A 275 -22.56 -3.85 14.26
CA GLY A 275 -23.17 -4.32 13.03
C GLY A 275 -22.29 -4.02 11.83
N THR A 276 -22.90 -4.11 10.64
CA THR A 276 -22.21 -3.70 9.42
C THR A 276 -21.91 -2.21 9.44
N ILE A 277 -20.65 -1.85 9.16
CA ILE A 277 -20.27 -0.45 9.02
C ILE A 277 -20.38 -0.08 7.54
N THR A 278 -21.11 0.99 7.25
CA THR A 278 -21.29 1.46 5.88
C THR A 278 -20.64 2.83 5.73
N LEU A 279 -19.58 2.88 4.96
CA LEU A 279 -18.89 4.13 4.66
C LEU A 279 -19.52 4.78 3.43
N PRO A 280 -19.82 6.07 3.47
CA PRO A 280 -20.27 6.75 2.24
C PRO A 280 -19.08 7.03 1.33
N CYS A 281 -19.26 6.76 0.04
CA CYS A 281 -18.21 6.93 -0.95
C CYS A 281 -18.72 7.74 -2.13
N LYS A 282 -17.77 8.29 -2.88
CA LYS A 282 -18.05 8.95 -4.14
C LYS A 282 -17.00 8.55 -5.16
N ILE A 283 -17.44 8.29 -6.38
CA ILE A 283 -16.53 8.14 -7.51
C ILE A 283 -16.24 9.53 -8.05
N LYS A 284 -14.97 9.90 -8.13
CA LYS A 284 -14.57 11.20 -8.62
C LYS A 284 -13.95 11.06 -10.01
N GLN A 285 -14.29 12.00 -10.90
CA GLN A 285 -13.68 12.03 -12.21
C GLN A 285 -12.43 12.89 -12.23
N ILE A 286 -12.35 13.90 -11.37
CA ILE A 286 -11.21 14.82 -11.31
C ILE A 286 -10.36 14.45 -10.12
N ILE A 287 -9.12 14.04 -10.40
CA ILE A 287 -8.24 13.39 -9.43
C ILE A 287 -6.99 14.23 -9.23
N ASN A 288 -6.51 14.27 -8.00
CA ASN A 288 -5.17 14.79 -7.70
C ASN A 288 -4.19 13.62 -7.79
N MET A 289 -3.43 13.60 -8.88
CA MET A 289 -2.60 12.44 -9.21
C MET A 289 -1.59 12.14 -8.10
N TRP A 290 -1.32 10.86 -7.89
CA TRP A 290 -0.28 10.44 -6.95
C TRP A 290 1.09 10.36 -7.61
N GLN A 291 1.13 10.22 -8.94
CA GLN A 291 2.38 10.02 -9.66
C GLN A 291 3.28 11.23 -9.55
N GLY A 292 2.69 12.39 -9.35
CA GLY A 292 3.39 13.66 -9.34
C GLY A 292 2.36 14.74 -9.23
N THR A 293 2.77 15.94 -8.84
CA THR A 293 1.81 17.01 -8.68
C THR A 293 1.11 17.27 -10.02
N GLY A 294 -0.21 17.23 -9.99
CA GLY A 294 -1.02 17.38 -11.19
C GLY A 294 -2.45 16.94 -10.98
N GLN A 295 -3.37 17.38 -11.85
CA GLN A 295 -4.77 17.00 -11.78
C GLN A 295 -5.15 16.28 -13.07
N ALA A 296 -6.04 15.30 -12.94
CA ALA A 296 -6.45 14.50 -14.09
C ALA A 296 -7.96 14.29 -14.07
N MET A 297 -8.57 14.27 -15.25
CA MET A 297 -10.01 14.08 -15.39
C MET A 297 -10.28 12.86 -16.24
N TYR A 298 -11.17 12.01 -15.74
CA TYR A 298 -11.54 10.77 -16.42
C TYR A 298 -13.02 10.83 -16.78
N ALA A 299 -13.43 9.90 -17.63
CA ALA A 299 -14.83 9.84 -18.03
C ALA A 299 -15.70 9.30 -16.90
N PRO A 300 -16.99 9.56 -16.95
CA PRO A 300 -17.89 9.09 -15.88
C PRO A 300 -17.86 7.58 -15.74
N PRO A 301 -18.31 7.05 -14.61
CA PRO A 301 -18.24 5.62 -14.37
C PRO A 301 -19.00 4.80 -15.40
N ILE A 302 -18.51 3.57 -15.61
CA ILE A 302 -19.20 2.60 -16.43
C ILE A 302 -20.56 2.27 -15.82
N ASP A 303 -21.44 1.72 -16.65
CA ASP A 303 -22.78 1.43 -16.17
C ASP A 303 -22.80 0.10 -15.40
N GLY A 304 -23.86 -0.11 -14.64
CA GLY A 304 -24.03 -1.33 -13.88
C GLY A 304 -23.29 -1.32 -12.56
N LYS A 305 -23.39 -2.46 -11.87
CA LYS A 305 -22.77 -2.72 -10.58
C LYS A 305 -21.25 -2.69 -10.65
N ILE A 306 -20.63 -1.69 -10.02
CA ILE A 306 -19.17 -1.61 -9.89
C ILE A 306 -18.83 -2.06 -8.48
N ASN A 307 -18.14 -3.19 -8.34
CA ASN A 307 -17.90 -3.75 -7.02
C ASN A 307 -16.47 -4.24 -6.88
N CYS A 308 -15.92 -4.10 -5.66
CA CYS A 308 -14.58 -4.56 -5.33
C CYS A 308 -14.59 -5.04 -3.89
N VAL A 309 -14.13 -6.27 -3.67
CA VAL A 309 -13.97 -6.82 -2.33
C VAL A 309 -12.48 -6.95 -2.07
N SER A 310 -11.98 -6.19 -1.10
CA SER A 310 -10.56 -6.16 -0.79
C SER A 310 -10.30 -6.55 0.65
N ASN A 311 -9.08 -7.01 0.91
CA ASN A 311 -8.61 -7.26 2.26
C ASN A 311 -7.87 -6.04 2.77
N ILE A 312 -8.28 -5.52 3.94
CA ILE A 312 -7.45 -4.56 4.65
C ILE A 312 -6.35 -5.33 5.34
N THR A 313 -5.10 -5.07 4.95
CA THR A 313 -3.97 -5.73 5.58
C THR A 313 -3.02 -4.78 6.28
N GLY A 314 -3.22 -3.46 6.16
CA GLY A 314 -2.39 -2.50 6.83
C GLY A 314 -3.11 -1.17 6.97
N ILE A 315 -2.53 -0.30 7.79
CA ILE A 315 -3.06 1.04 8.02
C ILE A 315 -1.92 2.03 7.97
N LEU A 316 -2.16 3.18 7.36
CA LEU A 316 -1.20 4.28 7.32
C LEU A 316 -1.66 5.33 8.32
N LEU A 317 -0.78 5.70 9.25
CA LEU A 317 -1.16 6.63 10.32
C LEU A 317 -0.14 7.75 10.46
N THR A 318 -0.64 8.89 10.93
CA THR A 318 0.19 10.03 11.30
C THR A 318 -0.17 10.41 12.72
N ARG A 319 0.83 10.60 13.57
CA ARG A 319 0.61 10.92 14.97
C ARG A 319 0.63 12.43 15.18
N ASP A 320 -0.23 12.90 16.09
CA ASP A 320 -0.31 14.32 16.38
C ASP A 320 0.91 14.78 17.17
N GLY A 321 1.39 15.98 16.83
CA GLY A 321 2.65 16.47 17.36
C GLY A 321 2.69 16.84 18.83
N GLY A 322 2.44 18.13 19.12
CA GLY A 322 2.67 18.69 20.43
C GLY A 322 1.85 18.11 21.57
N ALA A 323 1.94 16.80 21.76
CA ALA A 323 1.37 16.12 22.92
C ALA A 323 2.46 15.63 23.86
N ASN A 324 3.66 16.18 23.73
CA ASN A 324 4.82 15.72 24.49
C ASN A 324 4.52 15.62 25.97
N ASN A 325 3.70 16.54 26.50
CA ASN A 325 3.41 16.63 27.92
C ASN A 325 1.92 16.48 28.20
N THR A 326 1.20 15.77 27.34
CA THR A 326 -0.20 15.45 27.62
C THR A 326 -0.33 13.97 27.90
N SER A 327 -1.56 13.52 28.10
CA SER A 327 -1.83 12.13 28.43
C SER A 327 -2.31 11.32 27.24
N ASN A 328 -2.38 11.93 26.06
CA ASN A 328 -3.03 11.30 24.93
C ASN A 328 -2.10 11.28 23.74
N GLU A 329 -2.18 10.21 22.96
CA GLU A 329 -1.53 10.11 21.68
C GLU A 329 -2.66 9.92 20.67
N THR A 330 -2.82 10.85 19.75
CA THR A 330 -3.88 10.75 18.76
C THR A 330 -3.28 10.46 17.40
N PHE A 331 -3.93 9.58 16.65
CA PHE A 331 -3.44 9.13 15.35
C PHE A 331 -4.51 9.42 14.31
N ARG A 332 -4.05 9.83 13.13
CA ARG A 332 -4.96 10.13 12.04
C ARG A 332 -4.59 9.31 10.81
N PRO A 333 -5.56 8.81 10.06
CA PRO A 333 -5.25 8.09 8.83
C PRO A 333 -4.49 8.98 7.86
N GLY A 334 -3.45 8.41 7.26
CA GLY A 334 -2.64 9.18 6.34
C GLY A 334 -2.45 8.50 5.00
N GLY A 335 -1.37 8.85 4.32
CA GLY A 335 -1.05 8.31 3.01
C GLY A 335 -0.76 9.42 2.03
N GLY A 336 -0.61 9.04 0.76
CA GLY A 336 -0.31 9.99 -0.28
C GLY A 336 0.97 9.65 -1.01
N ASP A 337 1.98 9.19 -0.27
CA ASP A 337 3.24 8.74 -0.85
C ASP A 337 3.16 7.24 -1.06
N MET A 338 2.84 6.81 -2.28
CA MET A 338 2.68 5.39 -2.57
C MET A 338 3.94 4.59 -2.29
N ARG A 339 5.10 5.25 -2.15
CA ARG A 339 6.30 4.53 -1.75
C ARG A 339 6.08 3.78 -0.43
N ASP A 340 5.32 4.37 0.50
CA ASP A 340 4.98 3.68 1.73
C ASP A 340 4.17 2.42 1.44
N ASN A 341 3.26 2.47 0.48
CA ASN A 341 2.55 1.24 0.08
C ASN A 341 3.54 0.16 -0.35
N TRP A 342 4.46 0.49 -1.27
CA TRP A 342 5.43 -0.50 -1.72
C TRP A 342 6.32 -0.94 -0.57
N ARG A 343 6.71 0.01 0.27
CA ARG A 343 7.53 -0.28 1.44
C ARG A 343 6.87 -1.31 2.35
N SER A 344 5.54 -1.30 2.43
CA SER A 344 4.82 -2.20 3.32
C SER A 344 4.97 -3.66 2.89
N GLU A 345 5.38 -3.92 1.66
CA GLU A 345 5.61 -5.29 1.20
C GLU A 345 7.08 -5.60 0.95
N LEU A 346 7.88 -4.57 0.62
CA LEU A 346 9.30 -4.74 0.33
C LEU A 346 10.17 -4.67 1.59
N TYR A 347 9.58 -4.44 2.75
CA TYR A 347 10.35 -4.18 3.97
C TYR A 347 11.31 -5.31 4.32
N LYS A 348 11.03 -6.54 3.93
CA LYS A 348 11.85 -7.67 4.33
C LYS A 348 12.92 -8.05 3.31
N TYR A 349 13.12 -7.22 2.28
CA TYR A 349 14.07 -7.50 1.21
C TYR A 349 15.12 -6.40 1.12
N LYS A 350 16.30 -6.77 0.66
CA LYS A 350 17.33 -5.81 0.35
C LYS A 350 18.31 -6.43 -0.63
N VAL A 351 18.84 -5.60 -1.52
CA VAL A 351 19.74 -6.05 -2.58
C VAL A 351 21.16 -5.99 -2.07
N VAL A 352 21.95 -7.02 -2.39
CA VAL A 352 23.37 -7.04 -2.07
C VAL A 352 24.11 -7.49 -3.31
N GLN A 353 25.37 -7.04 -3.42
CA GLN A 353 26.24 -7.46 -4.51
C GLN A 353 27.12 -8.61 -4.01
N ILE A 354 27.15 -9.69 -4.77
CA ILE A 354 27.95 -10.85 -4.40
C ILE A 354 29.42 -10.47 -4.61
N GLU A 355 30.18 -10.34 -3.53
CA GLU A 355 31.53 -9.85 -3.69
C GLU A 355 32.52 -10.94 -4.13
#